data_1VAH
#
_entry.id   1VAH
#
_cell.length_a   56.3
_cell.length_b   87.8
_cell.length_c   103.4
_cell.angle_alpha   90.00
_cell.angle_beta   90.00
_cell.angle_gamma   90.00
#
_symmetry.space_group_name_H-M   'P 21 21 21'
#
loop_
_entity.id
_entity.type
_entity.pdbx_description
1 polymer 'Alpha-amylase, pancreatic'
2 non-polymer 'CHLORIDE ION'
3 non-polymer 'CALCIUM ION'
4 non-polymer P-NITROPHENOL
5 water water
#
_entity_poly.entity_id   1
_entity_poly.type   'polypeptide(L)'
_entity_poly.pdbx_seq_one_letter_code
;QYAPQTQSGRTSIVHLFEWRWVDIALECERYLGPKGFGGVQVSPPNENIVVTNPSRPWWERYQPVSYKLCTRSGNENEFR
DMVTRCNNVGVRIYVDAVINHMCGSGAAAGTGTTCGSYCNPGNREFPAVPYSAWDFNDGKCKTASGGIESYNDPYQVRDC
QLVGLLDLALEKDYVRSMIADYLNKLIDIGVAGFRIDASKHMWPGDIKAVLDKLHNLNTNWFPAGSRPFIFQEVIDLGGE
AIKSSEYFGNGRVTEFKYGAKLGTVVRKWSGEKMSYLKNWGEGWGFMPSDRALVFVDNHDNQRGHGAGGASILTFWDARL
YKIAVGFMLAHPYGFTRVMSSYRWARNFVNGEDVNDWIGPPNNNGVIKEVTINADTTCGNDWVCEHRWREIRNMVWFRNV
VDGEPFANWWDNGSNQVAFGRGNRGFIVFNNDDWQLSSTLQTGLPGGTYCDVISGDKVGNSCTGIKVYVSSDGTAQFSIS
NSAEDPFIAIHAESKL
;
_entity_poly.pdbx_strand_id   A
#
loop_
_chem_comp.id
_chem_comp.type
_chem_comp.name
_chem_comp.formula
CA non-polymer 'CALCIUM ION' 'Ca 2'
CL non-polymer 'CHLORIDE ION' 'Cl -1'
NPO non-polymer P-NITROPHENOL 'C6 H5 N O3'
#
# COMPACT_ATOMS: atom_id res chain seq x y z
N GLN A 1 -8.20 2.10 -15.99
CA GLN A 1 -8.44 2.35 -14.56
C GLN A 1 -7.98 1.16 -13.72
N TYR A 2 -8.02 -0.03 -14.31
CA TYR A 2 -7.64 -1.24 -13.60
C TYR A 2 -6.22 -1.71 -13.89
N ALA A 3 -5.65 -1.27 -15.00
CA ALA A 3 -4.29 -1.67 -15.36
C ALA A 3 -3.31 -0.78 -14.62
N PRO A 4 -2.34 -1.38 -13.92
CA PRO A 4 -1.29 -0.71 -13.14
C PRO A 4 -0.41 0.21 -13.95
N GLN A 5 -0.22 -0.13 -15.22
CA GLN A 5 0.61 0.63 -16.15
C GLN A 5 2.09 0.54 -15.76
N THR A 6 2.45 -0.57 -15.12
CA THR A 6 3.83 -0.80 -14.71
C THR A 6 4.64 -1.23 -15.93
N GLN A 7 5.95 -0.99 -15.90
CA GLN A 7 6.80 -1.40 -17.01
C GLN A 7 6.72 -2.92 -17.03
N SER A 8 6.36 -3.48 -18.18
CA SER A 8 6.20 -4.93 -18.34
C SER A 8 7.07 -5.84 -17.49
N GLY A 9 6.43 -6.77 -16.79
CA GLY A 9 7.15 -7.71 -15.95
C GLY A 9 7.17 -7.38 -14.47
N ARG A 10 6.91 -6.12 -14.13
CA ARG A 10 6.89 -5.69 -12.74
C ARG A 10 5.46 -5.83 -12.19
N THR A 11 5.32 -6.43 -11.01
CA THR A 11 4.01 -6.68 -10.45
C THR A 11 3.66 -6.17 -9.04
N SER A 12 4.46 -5.29 -8.46
CA SER A 12 4.18 -4.77 -7.12
C SER A 12 4.57 -3.31 -6.97
N ILE A 13 3.99 -2.65 -5.97
CA ILE A 13 4.31 -1.26 -5.65
C ILE A 13 4.62 -1.18 -4.16
N VAL A 14 5.39 -0.18 -3.76
CA VAL A 14 5.74 0.01 -2.35
C VAL A 14 5.23 1.34 -1.87
N HIS A 15 4.79 1.40 -0.63
CA HIS A 15 4.32 2.67 -0.07
C HIS A 15 5.49 3.24 0.71
N LEU A 16 6.18 4.22 0.12
CA LEU A 16 7.30 4.84 0.81
C LEU A 16 6.73 5.96 1.68
N PHE A 17 6.17 5.55 2.82
CA PHE A 17 5.51 6.40 3.81
C PHE A 17 6.36 7.56 4.34
N GLU A 18 5.91 8.78 4.11
CA GLU A 18 6.60 9.99 4.57
C GLU A 18 8.01 10.23 4.02
N TRP A 19 8.43 9.48 3.01
CA TRP A 19 9.77 9.68 2.43
C TRP A 19 9.83 10.97 1.63
N ARG A 20 11.00 11.62 1.64
CA ARG A 20 11.23 12.85 0.90
C ARG A 20 11.40 12.52 -0.59
N TRP A 21 11.14 13.48 -1.47
CA TRP A 21 11.28 13.22 -2.91
C TRP A 21 12.74 12.91 -3.32
N VAL A 22 13.71 13.66 -2.82
CA VAL A 22 15.10 13.39 -3.15
C VAL A 22 15.51 11.97 -2.73
N ASP A 23 14.94 11.49 -1.63
CA ASP A 23 15.24 10.14 -1.18
C ASP A 23 14.60 9.10 -2.06
N ILE A 24 13.35 9.34 -2.48
CA ILE A 24 12.64 8.40 -3.33
C ILE A 24 13.31 8.25 -4.70
N ALA A 25 13.84 9.35 -5.24
CA ALA A 25 14.51 9.33 -6.54
C ALA A 25 15.77 8.47 -6.47
N LEU A 26 16.55 8.66 -5.40
CA LEU A 26 17.78 7.91 -5.21
C LEU A 26 17.43 6.44 -5.12
N GLU A 27 16.42 6.13 -4.31
CA GLU A 27 15.98 4.76 -4.10
C GLU A 27 15.55 4.10 -5.40
N CYS A 28 14.98 4.88 -6.30
CA CYS A 28 14.53 4.36 -7.58
C CYS A 28 15.73 3.88 -8.39
N GLU A 29 16.80 4.67 -8.36
CA GLU A 29 18.00 4.37 -9.12
C GLU A 29 18.90 3.26 -8.57
N ARG A 30 19.19 3.33 -7.28
CA ARG A 30 20.06 2.34 -6.65
C ARG A 30 19.41 1.03 -6.24
N TYR A 31 18.10 1.04 -6.02
CA TYR A 31 17.41 -0.16 -5.57
C TYR A 31 16.13 -0.58 -6.32
N LEU A 32 15.04 0.16 -6.13
CA LEU A 32 13.76 -0.17 -6.76
C LEU A 32 13.87 -0.55 -8.23
N GLY A 33 14.73 0.14 -8.96
CA GLY A 33 14.91 -0.15 -10.38
C GLY A 33 15.50 -1.55 -10.63
N PRO A 34 16.78 -1.77 -10.31
CA PRO A 34 17.42 -3.08 -10.52
C PRO A 34 16.73 -4.25 -9.81
N LYS A 35 16.15 -3.97 -8.64
CA LYS A 35 15.48 -5.02 -7.88
C LYS A 35 14.10 -5.42 -8.43
N GLY A 36 13.71 -4.80 -9.55
CA GLY A 36 12.46 -5.16 -10.20
C GLY A 36 11.13 -4.70 -9.63
N PHE A 37 11.11 -3.67 -8.79
CA PHE A 37 9.86 -3.16 -8.22
C PHE A 37 9.10 -2.38 -9.29
N GLY A 38 7.78 -2.45 -9.22
CA GLY A 38 6.94 -1.79 -10.21
C GLY A 38 6.69 -0.32 -10.00
N GLY A 39 6.50 0.09 -8.75
CA GLY A 39 6.25 1.49 -8.53
C GLY A 39 6.30 1.91 -7.08
N VAL A 40 5.95 3.17 -6.84
CA VAL A 40 5.97 3.74 -5.52
C VAL A 40 4.77 4.64 -5.27
N GLN A 41 4.07 4.39 -4.16
CA GLN A 41 2.95 5.22 -3.76
C GLN A 41 3.59 6.22 -2.80
N VAL A 42 3.43 7.51 -3.09
CA VAL A 42 4.02 8.54 -2.26
C VAL A 42 2.94 9.14 -1.37
N SER A 43 3.37 9.88 -0.34
CA SER A 43 2.45 10.57 0.57
C SER A 43 1.83 11.77 -0.15
N PRO A 44 0.74 12.35 0.40
CA PRO A 44 0.12 13.50 -0.26
C PRO A 44 1.16 14.57 -0.56
N PRO A 45 1.33 14.95 -1.85
CA PRO A 45 2.27 15.96 -2.31
C PRO A 45 1.81 17.42 -2.24
N ASN A 46 0.51 17.63 -2.03
CA ASN A 46 -0.03 18.99 -1.96
C ASN A 46 0.11 19.60 -0.58
N GLU A 47 0.06 20.93 -0.51
CA GLU A 47 0.18 21.67 0.74
C GLU A 47 -0.88 21.33 1.80
N ASN A 48 -0.42 21.19 3.04
CA ASN A 48 -1.28 20.86 4.17
C ASN A 48 -1.07 21.85 5.32
N ILE A 49 -1.94 21.77 6.33
CA ILE A 49 -1.85 22.67 7.49
C ILE A 49 -0.77 22.14 8.44
N VAL A 50 -0.18 23.03 9.23
CA VAL A 50 0.85 22.62 10.19
C VAL A 50 0.20 22.40 11.55
N VAL A 51 0.23 21.15 12.01
CA VAL A 51 -0.35 20.78 13.30
C VAL A 51 0.78 20.67 14.32
N THR A 52 0.79 21.59 15.28
CA THR A 52 1.81 21.61 16.32
C THR A 52 1.35 21.02 17.64
N ASN A 53 0.09 20.60 17.69
CA ASN A 53 -0.47 19.99 18.89
C ASN A 53 -1.37 18.80 18.49
N PRO A 54 -0.80 17.58 18.46
CA PRO A 54 0.58 17.20 18.76
C PRO A 54 1.63 17.69 17.75
N SER A 55 2.91 17.54 18.09
CA SER A 55 3.99 18.01 17.24
C SER A 55 4.19 17.26 15.91
N ARG A 56 3.73 17.90 14.84
CA ARG A 56 3.84 17.39 13.46
C ARG A 56 3.51 15.91 13.31
N PRO A 57 2.24 15.53 13.49
CA PRO A 57 1.86 14.12 13.34
C PRO A 57 1.84 13.71 11.87
N TRP A 58 1.78 12.42 11.61
CA TRP A 58 1.75 11.99 10.21
C TRP A 58 0.44 12.36 9.56
N TRP A 59 -0.61 12.48 10.37
CA TRP A 59 -1.93 12.80 9.84
C TRP A 59 -2.23 14.24 9.39
N GLU A 60 -1.29 15.16 9.57
CA GLU A 60 -1.52 16.53 9.11
C GLU A 60 -1.49 16.62 7.57
N ARG A 61 -0.89 15.60 6.94
CA ARG A 61 -0.80 15.56 5.48
C ARG A 61 -2.14 15.21 4.84
N TYR A 62 -3.11 14.88 5.68
CA TYR A 62 -4.46 14.53 5.22
C TYR A 62 -5.42 15.69 5.52
N GLN A 63 -4.86 16.89 5.63
CA GLN A 63 -5.62 18.12 5.88
C GLN A 63 -5.11 19.21 4.94
N PRO A 64 -5.52 19.17 3.66
CA PRO A 64 -5.13 20.13 2.61
C PRO A 64 -5.46 21.59 2.88
N VAL A 65 -4.70 22.50 2.28
CA VAL A 65 -4.95 23.93 2.38
C VAL A 65 -4.77 24.58 1.00
N SER A 66 -4.27 23.81 0.04
CA SER A 66 -4.07 24.25 -1.34
C SER A 66 -3.65 23.05 -2.16
N TYR A 67 -3.37 23.26 -3.45
CA TYR A 67 -2.95 22.16 -4.32
C TYR A 67 -1.54 22.35 -4.85
N LYS A 68 -0.75 23.17 -4.16
CA LYS A 68 0.64 23.44 -4.52
C LYS A 68 1.50 22.26 -4.07
N LEU A 69 2.47 21.86 -4.90
CA LEU A 69 3.35 20.74 -4.58
C LEU A 69 4.43 21.28 -3.68
N CYS A 70 4.08 21.41 -2.40
CA CYS A 70 4.96 22.00 -1.41
C CYS A 70 4.65 21.40 -0.04
N THR A 71 5.49 20.48 0.41
CA THR A 71 5.27 19.79 1.67
C THR A 71 6.60 19.44 2.34
N ARG A 72 6.55 18.72 3.45
CA ARG A 72 7.78 18.35 4.15
C ARG A 72 8.66 17.42 3.34
N SER A 73 8.05 16.75 2.36
CA SER A 73 8.75 15.84 1.46
C SER A 73 9.49 16.59 0.36
N GLY A 74 9.13 17.85 0.15
CA GLY A 74 9.79 18.64 -0.88
C GLY A 74 8.91 19.61 -1.63
N ASN A 75 9.49 20.25 -2.65
CA ASN A 75 8.79 21.24 -3.49
C ASN A 75 8.55 20.74 -4.90
N GLU A 76 7.90 21.55 -5.74
CA GLU A 76 7.58 21.14 -7.11
C GLU A 76 8.78 20.68 -7.93
N ASN A 77 9.89 21.40 -7.81
CA ASN A 77 11.11 21.07 -8.55
C ASN A 77 11.54 19.64 -8.22
N GLU A 78 11.64 19.34 -6.93
CA GLU A 78 12.08 18.03 -6.46
C GLU A 78 11.06 16.93 -6.76
N PHE A 79 9.78 17.30 -6.85
CA PHE A 79 8.76 16.31 -7.17
C PHE A 79 8.95 15.90 -8.63
N ARG A 80 9.13 16.88 -9.50
CA ARG A 80 9.30 16.61 -10.94
C ARG A 80 10.55 15.80 -11.24
N ASP A 81 11.60 16.06 -10.47
CA ASP A 81 12.87 15.37 -10.65
C ASP A 81 12.72 13.90 -10.27
N MET A 82 12.04 13.65 -9.15
CA MET A 82 11.79 12.29 -8.68
C MET A 82 10.95 11.48 -9.66
N VAL A 83 9.87 12.07 -10.15
CA VAL A 83 9.00 11.38 -11.10
C VAL A 83 9.73 11.06 -12.41
N THR A 84 10.60 11.98 -12.83
CA THR A 84 11.38 11.82 -14.05
C THR A 84 12.44 10.73 -13.89
N ARG A 85 13.23 10.82 -12.83
CA ARG A 85 14.29 9.85 -12.54
C ARG A 85 13.77 8.44 -12.32
N CYS A 86 12.62 8.30 -11.66
CA CYS A 86 12.03 6.99 -11.42
C CYS A 86 11.51 6.36 -12.72
N ASN A 87 10.78 7.14 -13.51
CA ASN A 87 10.26 6.64 -14.79
C ASN A 87 11.37 6.14 -15.71
N ASN A 88 12.51 6.81 -15.70
CA ASN A 88 13.65 6.44 -16.54
C ASN A 88 14.30 5.10 -16.15
N VAL A 89 14.06 4.65 -14.92
CA VAL A 89 14.58 3.36 -14.47
C VAL A 89 13.47 2.33 -14.39
N GLY A 90 12.30 2.66 -14.97
CA GLY A 90 11.18 1.74 -14.97
C GLY A 90 10.31 1.62 -13.73
N VAL A 91 10.45 2.56 -12.80
CA VAL A 91 9.66 2.54 -11.57
C VAL A 91 8.61 3.65 -11.64
N ARG A 92 7.34 3.26 -11.57
CA ARG A 92 6.22 4.21 -11.63
C ARG A 92 5.93 4.94 -10.31
N ILE A 93 5.21 6.05 -10.40
CA ILE A 93 4.83 6.86 -9.24
C ILE A 93 3.30 6.99 -9.16
N TYR A 94 2.73 6.62 -8.02
CA TYR A 94 1.30 6.70 -7.79
C TYR A 94 1.08 7.69 -6.67
N VAL A 95 0.22 8.68 -6.92
CA VAL A 95 -0.03 9.73 -5.93
C VAL A 95 -1.25 9.54 -5.02
N ASP A 96 -1.07 9.87 -3.74
CA ASP A 96 -2.14 9.78 -2.77
C ASP A 96 -2.99 11.03 -2.90
N ALA A 97 -4.11 10.92 -3.60
CA ALA A 97 -4.99 12.06 -3.82
C ALA A 97 -6.01 12.26 -2.70
N VAL A 98 -5.79 13.29 -1.89
CA VAL A 98 -6.69 13.65 -0.79
C VAL A 98 -7.65 14.68 -1.36
N ILE A 99 -8.78 14.21 -1.87
CA ILE A 99 -9.78 15.06 -2.52
C ILE A 99 -11.19 15.16 -1.91
N ASN A 100 -11.43 14.50 -0.79
CA ASN A 100 -12.76 14.56 -0.15
C ASN A 100 -12.92 15.75 0.77
N HIS A 101 -11.80 16.31 1.21
CA HIS A 101 -11.86 17.40 2.16
C HIS A 101 -10.65 18.28 2.15
N MET A 102 -10.72 19.33 2.96
CA MET A 102 -9.62 20.27 3.14
C MET A 102 -9.22 20.08 4.60
N CYS A 103 -8.63 21.08 5.25
CA CYS A 103 -8.22 20.90 6.66
C CYS A 103 -9.38 20.87 7.66
N GLY A 104 -9.03 20.70 8.94
CA GLY A 104 -10.04 20.64 9.99
C GLY A 104 -10.76 21.94 10.19
N SER A 105 -12.08 21.86 10.38
CA SER A 105 -12.93 23.03 10.57
C SER A 105 -12.58 23.84 11.82
N GLY A 106 -11.94 23.19 12.80
CA GLY A 106 -11.57 23.88 14.02
C GLY A 106 -10.11 24.32 14.05
N ALA A 107 -9.50 24.52 12.90
CA ALA A 107 -8.11 24.96 12.85
C ALA A 107 -8.07 26.48 12.89
N ALA A 108 -6.95 27.03 13.37
CA ALA A 108 -6.79 28.47 13.47
C ALA A 108 -6.49 29.13 12.11
N ALA A 109 -6.93 30.37 11.97
CA ALA A 109 -6.72 31.14 10.75
C ALA A 109 -5.28 31.66 10.68
N GLY A 110 -4.73 31.74 9.47
CA GLY A 110 -3.37 32.23 9.32
C GLY A 110 -2.55 31.52 8.26
N THR A 111 -1.23 31.58 8.40
CA THR A 111 -0.33 30.95 7.45
C THR A 111 0.46 29.82 8.10
N GLY A 112 -0.17 29.09 9.00
CA GLY A 112 0.49 27.95 9.63
C GLY A 112 0.31 26.80 8.66
N THR A 113 1.05 26.85 7.55
CA THR A 113 0.94 25.86 6.49
C THR A 113 2.32 25.47 5.94
N THR A 114 2.41 24.31 5.29
CA THR A 114 3.70 23.86 4.75
C THR A 114 4.32 24.72 3.65
N CYS A 115 3.56 25.66 3.10
CA CYS A 115 4.09 26.52 2.05
C CYS A 115 3.79 28.01 2.21
N GLY A 116 3.10 28.38 3.29
CA GLY A 116 2.80 29.76 3.54
C GLY A 116 1.48 30.30 3.01
N SER A 117 0.61 29.42 2.52
CA SER A 117 -0.67 29.88 2.01
C SER A 117 -1.59 30.23 3.17
N TYR A 118 -2.40 31.25 2.98
CA TYR A 118 -3.32 31.67 4.02
C TYR A 118 -4.60 30.84 3.89
N CYS A 119 -5.26 30.62 5.03
CA CYS A 119 -6.53 29.90 5.05
C CYS A 119 -7.25 30.24 6.33
N ASN A 120 -8.58 30.22 6.27
CA ASN A 120 -9.41 30.51 7.43
C ASN A 120 -10.46 29.40 7.46
N PRO A 121 -10.15 28.28 8.12
CA PRO A 121 -11.09 27.15 8.21
C PRO A 121 -12.47 27.54 8.72
N GLY A 122 -12.52 28.33 9.79
CA GLY A 122 -13.79 28.75 10.36
C GLY A 122 -14.72 29.47 9.40
N ASN A 123 -14.15 30.26 8.48
CA ASN A 123 -14.93 30.98 7.49
C ASN A 123 -14.92 30.22 6.16
N ARG A 124 -14.22 29.09 6.14
CA ARG A 124 -14.10 28.25 4.95
C ARG A 124 -13.38 28.96 3.80
N GLU A 125 -12.41 29.80 4.15
CA GLU A 125 -11.64 30.53 3.15
C GLU A 125 -10.33 29.85 2.81
N PHE A 126 -10.16 29.46 1.55
CA PHE A 126 -8.92 28.84 1.09
C PHE A 126 -8.57 29.60 -0.19
N PRO A 127 -8.03 30.82 -0.05
CA PRO A 127 -7.64 31.73 -1.13
C PRO A 127 -6.64 31.18 -2.14
N ALA A 128 -5.86 30.19 -1.73
CA ALA A 128 -4.86 29.62 -2.62
C ALA A 128 -5.48 28.78 -3.73
N VAL A 129 -6.63 28.19 -3.44
CA VAL A 129 -7.30 27.33 -4.42
C VAL A 129 -7.92 28.04 -5.63
N PRO A 130 -8.93 28.92 -5.43
CA PRO A 130 -9.57 29.35 -4.18
C PRO A 130 -10.88 28.62 -3.91
N TYR A 131 -11.22 28.49 -2.63
CA TYR A 131 -12.50 27.86 -2.26
C TYR A 131 -13.17 28.85 -1.33
N SER A 132 -14.49 28.76 -1.25
CA SER A 132 -15.28 29.62 -0.39
C SER A 132 -16.30 28.75 0.31
N ALA A 133 -17.04 29.35 1.24
CA ALA A 133 -18.06 28.66 2.03
C ALA A 133 -19.10 27.84 1.27
N TRP A 134 -19.36 28.16 0.00
CA TRP A 134 -20.36 27.39 -0.74
C TRP A 134 -19.77 26.21 -1.51
N ASP A 135 -18.50 25.93 -1.25
CA ASP A 135 -17.81 24.82 -1.88
C ASP A 135 -17.74 23.64 -0.91
N PHE A 136 -18.49 23.75 0.18
CA PHE A 136 -18.52 22.70 1.20
C PHE A 136 -19.92 22.18 1.47
N ASN A 137 -20.01 21.00 2.07
CA ASN A 137 -21.29 20.35 2.35
C ASN A 137 -21.95 20.70 3.68
N ASP A 138 -21.57 21.81 4.29
CA ASP A 138 -22.17 22.18 5.57
C ASP A 138 -23.70 22.04 5.60
N GLY A 139 -24.35 22.61 4.58
CA GLY A 139 -25.81 22.56 4.52
C GLY A 139 -26.45 21.28 4.00
N LYS A 140 -25.65 20.37 3.48
CA LYS A 140 -26.13 19.09 2.95
C LYS A 140 -26.17 18.00 4.04
N CYS A 141 -25.32 18.17 5.05
CA CYS A 141 -25.23 17.23 6.18
C CYS A 141 -26.38 17.54 7.15
N LYS A 142 -27.13 16.49 7.52
CA LYS A 142 -28.28 16.63 8.40
C LYS A 142 -28.08 16.26 9.87
N THR A 143 -26.86 15.93 10.28
CA THR A 143 -26.62 15.55 11.68
C THR A 143 -26.52 16.77 12.58
N ALA A 144 -26.79 16.57 13.86
CA ALA A 144 -26.74 17.66 14.84
C ALA A 144 -25.31 18.13 15.10
N SER A 145 -24.34 17.23 14.96
CA SER A 145 -22.93 17.56 15.19
C SER A 145 -22.21 18.04 13.96
N GLY A 146 -22.73 17.68 12.79
CA GLY A 146 -22.09 18.08 11.54
C GLY A 146 -21.13 17.00 11.05
N GLY A 147 -20.93 15.97 11.89
CA GLY A 147 -20.03 14.89 11.56
C GLY A 147 -20.77 13.58 11.37
N ILE A 148 -20.03 12.53 11.05
CA ILE A 148 -20.63 11.23 10.83
C ILE A 148 -20.96 10.55 12.14
N GLU A 149 -22.26 10.44 12.42
CA GLU A 149 -22.75 9.83 13.65
C GLU A 149 -23.17 8.36 13.48
N SER A 150 -23.44 7.96 12.25
CA SER A 150 -23.84 6.59 11.97
C SER A 150 -23.31 6.10 10.65
N TYR A 151 -22.61 4.97 10.67
CA TYR A 151 -22.07 4.39 9.45
C TYR A 151 -23.08 3.55 8.69
N ASN A 152 -24.31 3.50 9.21
CA ASN A 152 -25.40 2.75 8.59
C ASN A 152 -26.28 3.66 7.73
N ASP A 153 -25.86 4.91 7.61
CA ASP A 153 -26.58 5.89 6.80
C ASP A 153 -25.57 6.41 5.79
N PRO A 154 -25.70 6.00 4.53
CA PRO A 154 -24.81 6.41 3.43
C PRO A 154 -24.74 7.91 3.15
N TYR A 155 -25.82 8.63 3.47
CA TYR A 155 -25.84 10.07 3.24
C TYR A 155 -24.88 10.87 4.12
N GLN A 156 -24.92 10.67 5.43
CA GLN A 156 -24.03 11.41 6.30
C GLN A 156 -22.55 11.03 6.21
N VAL A 157 -22.24 9.80 5.80
CA VAL A 157 -20.84 9.41 5.70
C VAL A 157 -20.21 10.09 4.48
N ARG A 158 -21.05 10.40 3.48
CA ARG A 158 -20.57 11.04 2.27
C ARG A 158 -20.72 12.55 2.28
N ASP A 159 -21.67 13.06 3.07
CA ASP A 159 -21.95 14.49 3.12
C ASP A 159 -21.50 15.20 4.39
N CYS A 160 -21.18 14.44 5.43
CA CYS A 160 -20.74 15.05 6.68
C CYS A 160 -19.23 15.04 6.84
N GLN A 161 -18.73 15.80 7.82
CA GLN A 161 -17.30 15.91 8.04
C GLN A 161 -16.70 14.66 8.67
N LEU A 162 -15.63 14.17 8.05
CA LEU A 162 -14.90 13.00 8.51
C LEU A 162 -13.96 13.57 9.58
N VAL A 163 -14.11 13.09 10.81
CA VAL A 163 -13.31 13.57 11.95
C VAL A 163 -13.10 15.09 12.00
N GLY A 164 -14.17 15.84 11.75
CA GLY A 164 -14.08 17.29 11.80
C GLY A 164 -13.42 17.98 10.62
N LEU A 165 -13.19 17.26 9.52
CA LEU A 165 -12.54 17.84 8.35
C LEU A 165 -13.56 18.42 7.38
N LEU A 166 -13.26 19.60 6.83
CA LEU A 166 -14.15 20.29 5.90
C LEU A 166 -14.43 19.48 4.63
N ASP A 167 -15.69 19.07 4.49
CA ASP A 167 -16.16 18.22 3.37
C ASP A 167 -16.47 18.98 2.09
N LEU A 168 -15.74 18.62 1.04
CA LEU A 168 -15.91 19.25 -0.28
C LEU A 168 -17.20 18.88 -1.00
N ALA A 169 -17.83 19.87 -1.61
CA ALA A 169 -19.06 19.67 -2.37
C ALA A 169 -18.71 19.11 -3.74
N LEU A 170 -18.35 17.82 -3.78
CA LEU A 170 -17.98 17.14 -5.03
C LEU A 170 -19.07 17.02 -6.09
N GLU A 171 -20.24 17.62 -5.86
CA GLU A 171 -21.30 17.54 -6.86
C GLU A 171 -21.23 18.73 -7.79
N LYS A 172 -20.56 19.80 -7.35
CA LYS A 172 -20.43 21.01 -8.15
C LYS A 172 -19.30 20.90 -9.18
N ASP A 173 -19.51 21.44 -10.37
CA ASP A 173 -18.48 21.38 -11.40
C ASP A 173 -17.25 22.19 -11.02
N TYR A 174 -17.44 23.26 -10.23
CA TYR A 174 -16.32 24.09 -9.82
C TYR A 174 -15.29 23.23 -9.09
N VAL A 175 -15.76 22.49 -8.08
CA VAL A 175 -14.90 21.60 -7.29
C VAL A 175 -14.34 20.47 -8.15
N ARG A 176 -15.21 19.85 -8.95
CA ARG A 176 -14.80 18.75 -9.81
C ARG A 176 -13.71 19.16 -10.81
N SER A 177 -13.83 20.37 -11.33
CA SER A 177 -12.88 20.91 -12.29
C SER A 177 -11.60 21.32 -11.61
N MET A 178 -11.73 21.80 -10.37
CA MET A 178 -10.59 22.25 -9.59
C MET A 178 -9.67 21.08 -9.28
N ILE A 179 -10.28 19.98 -8.87
CA ILE A 179 -9.56 18.77 -8.54
C ILE A 179 -8.95 18.13 -9.78
N ALA A 180 -9.75 18.04 -10.83
CA ALA A 180 -9.30 17.46 -12.08
C ALA A 180 -8.08 18.20 -12.62
N ASP A 181 -8.03 19.52 -12.44
CA ASP A 181 -6.90 20.31 -12.92
C ASP A 181 -5.65 19.98 -12.11
N TYR A 182 -5.84 19.68 -10.84
CA TYR A 182 -4.74 19.32 -9.94
C TYR A 182 -4.19 17.94 -10.32
N LEU A 183 -5.08 16.97 -10.53
CA LEU A 183 -4.65 15.63 -10.90
C LEU A 183 -4.01 15.60 -12.29
N ASN A 184 -4.55 16.37 -13.23
CA ASN A 184 -4.00 16.44 -14.59
C ASN A 184 -2.59 17.02 -14.59
N LYS A 185 -2.34 17.99 -13.72
CA LYS A 185 -1.02 18.58 -13.64
C LYS A 185 -0.07 17.45 -13.29
N LEU A 186 -0.48 16.60 -12.36
CA LEU A 186 0.30 15.45 -11.91
C LEU A 186 0.55 14.44 -13.02
N ILE A 187 -0.47 14.21 -13.83
CA ILE A 187 -0.37 13.27 -14.95
C ILE A 187 0.61 13.79 -16.02
N ASP A 188 0.60 15.09 -16.26
CA ASP A 188 1.47 15.67 -17.28
C ASP A 188 2.91 15.57 -16.85
N ILE A 189 3.15 15.66 -15.55
CA ILE A 189 4.49 15.54 -15.00
C ILE A 189 5.01 14.10 -15.16
N GLY A 190 4.10 13.13 -15.12
CA GLY A 190 4.51 11.74 -15.31
C GLY A 190 3.97 10.73 -14.30
N VAL A 191 3.01 11.13 -13.49
CA VAL A 191 2.43 10.19 -12.53
C VAL A 191 1.60 9.16 -13.31
N ALA A 192 1.69 7.91 -12.87
CA ALA A 192 0.96 6.82 -13.54
C ALA A 192 -0.42 6.50 -13.00
N GLY A 193 -0.74 6.95 -11.79
CA GLY A 193 -2.04 6.65 -11.21
C GLY A 193 -2.28 7.31 -9.87
N PHE A 194 -3.40 7.00 -9.23
CA PHE A 194 -3.69 7.61 -7.93
C PHE A 194 -4.36 6.68 -6.96
N ARG A 195 -4.16 6.97 -5.68
CA ARG A 195 -4.80 6.28 -4.59
C ARG A 195 -5.83 7.32 -4.19
N ILE A 196 -7.11 7.06 -4.44
CA ILE A 196 -8.15 8.02 -4.09
C ILE A 196 -8.46 7.84 -2.61
N ASP A 197 -7.91 8.73 -1.78
CA ASP A 197 -8.10 8.69 -0.33
C ASP A 197 -9.56 8.91 0.07
N ALA A 198 -9.99 8.16 1.09
CA ALA A 198 -11.36 8.23 1.63
C ALA A 198 -12.46 8.24 0.59
N SER A 199 -12.40 7.30 -0.34
CA SER A 199 -13.41 7.19 -1.40
C SER A 199 -14.77 6.75 -0.86
N LYS A 200 -14.76 6.16 0.32
CA LYS A 200 -15.97 5.67 0.97
C LYS A 200 -16.80 6.86 1.38
N HIS A 201 -16.12 7.99 1.60
CA HIS A 201 -16.78 9.22 2.03
C HIS A 201 -17.16 10.16 0.88
N MET A 202 -17.26 9.59 -0.32
CA MET A 202 -17.63 10.33 -1.52
C MET A 202 -18.56 9.44 -2.34
N TRP A 203 -19.44 10.06 -3.12
CA TRP A 203 -20.38 9.34 -3.96
C TRP A 203 -19.61 8.81 -5.17
N PRO A 204 -19.83 7.52 -5.53
CA PRO A 204 -19.15 6.92 -6.68
C PRO A 204 -19.27 7.77 -7.94
N GLY A 205 -20.45 8.34 -8.17
CA GLY A 205 -20.69 9.17 -9.34
C GLY A 205 -19.92 10.49 -9.38
N ASP A 206 -19.53 11.01 -8.21
CA ASP A 206 -18.77 12.25 -8.17
C ASP A 206 -17.31 11.95 -8.50
N ILE A 207 -16.83 10.80 -8.05
CA ILE A 207 -15.46 10.38 -8.31
C ILE A 207 -15.36 10.18 -9.81
N LYS A 208 -16.40 9.55 -10.36
CA LYS A 208 -16.47 9.27 -11.79
C LYS A 208 -16.42 10.55 -12.62
N ALA A 209 -17.12 11.58 -12.16
CA ALA A 209 -17.19 12.85 -12.86
C ALA A 209 -15.84 13.58 -12.89
N VAL A 210 -14.98 13.28 -11.92
CA VAL A 210 -13.64 13.86 -11.83
C VAL A 210 -12.69 13.04 -12.71
N LEU A 211 -12.83 11.73 -12.70
CA LEU A 211 -11.99 10.84 -13.51
C LEU A 211 -12.18 11.04 -15.01
N ASP A 212 -13.40 11.38 -15.42
CA ASP A 212 -13.73 11.63 -16.81
C ASP A 212 -13.08 12.89 -17.37
N LYS A 213 -12.55 13.74 -16.48
CA LYS A 213 -11.89 14.98 -16.87
C LYS A 213 -10.38 14.83 -16.97
N LEU A 214 -9.87 13.64 -16.63
CA LEU A 214 -8.43 13.40 -16.65
C LEU A 214 -7.82 13.04 -18.01
N HIS A 215 -6.63 13.56 -18.28
CA HIS A 215 -5.92 13.32 -19.54
C HIS A 215 -5.39 11.89 -19.58
N ASN A 216 -4.81 11.52 -20.71
CA ASN A 216 -4.21 10.21 -20.86
C ASN A 216 -2.80 10.37 -20.32
N LEU A 217 -2.14 9.25 -20.01
CA LEU A 217 -0.79 9.30 -19.48
C LEU A 217 0.26 9.92 -20.43
N ASN A 218 1.33 10.46 -19.85
CA ASN A 218 2.43 11.09 -20.59
C ASN A 218 3.09 10.10 -21.54
N THR A 219 2.97 10.37 -22.84
CA THR A 219 3.54 9.50 -23.86
C THR A 219 5.07 9.34 -23.86
N ASN A 220 5.76 10.15 -23.07
CA ASN A 220 7.22 10.05 -22.97
C ASN A 220 7.58 8.75 -22.26
N TRP A 221 6.65 8.23 -21.47
CA TRP A 221 6.89 7.00 -20.73
C TRP A 221 5.79 5.96 -20.88
N PHE A 222 4.61 6.35 -21.37
CA PHE A 222 3.51 5.41 -21.51
C PHE A 222 3.00 5.27 -22.94
N PRO A 223 2.46 4.08 -23.29
CA PRO A 223 1.92 3.82 -24.62
C PRO A 223 0.78 4.80 -24.84
N ALA A 224 0.48 5.11 -26.10
CA ALA A 224 -0.59 6.04 -26.42
C ALA A 224 -1.95 5.52 -25.98
N GLY A 225 -2.81 6.43 -25.54
CA GLY A 225 -4.15 6.04 -25.11
C GLY A 225 -4.16 5.26 -23.83
N SER A 226 -3.28 5.62 -22.91
CA SER A 226 -3.21 4.96 -21.61
C SER A 226 -4.05 5.71 -20.58
N ARG A 227 -4.80 4.97 -19.78
CA ARG A 227 -5.67 5.54 -18.76
C ARG A 227 -4.94 5.36 -17.43
N PRO A 228 -4.99 6.38 -16.55
CA PRO A 228 -4.33 6.26 -15.25
C PRO A 228 -4.86 5.13 -14.38
N PHE A 229 -3.97 4.53 -13.60
CA PHE A 229 -4.34 3.44 -12.69
C PHE A 229 -5.06 4.07 -11.53
N ILE A 230 -6.23 3.56 -11.20
CA ILE A 230 -6.99 4.13 -10.12
C ILE A 230 -7.34 3.08 -9.08
N PHE A 231 -6.94 3.32 -7.83
CA PHE A 231 -7.31 2.43 -6.75
C PHE A 231 -7.92 3.26 -5.62
N GLN A 232 -9.15 2.92 -5.27
CA GLN A 232 -9.89 3.65 -4.25
C GLN A 232 -9.85 3.04 -2.87
N GLU A 233 -9.65 3.90 -1.87
CA GLU A 233 -9.62 3.43 -0.51
C GLU A 233 -11.02 3.39 0.11
N VAL A 234 -11.59 2.19 0.18
CA VAL A 234 -12.88 2.04 0.83
C VAL A 234 -12.78 0.85 1.78
N ILE A 235 -13.06 1.10 3.06
CA ILE A 235 -13.01 0.07 4.09
C ILE A 235 -14.39 -0.58 4.20
N ASP A 236 -14.44 -1.86 3.87
CA ASP A 236 -15.67 -2.61 3.88
C ASP A 236 -15.38 -4.03 4.36
N LEU A 237 -15.50 -4.24 5.67
CA LEU A 237 -15.28 -5.58 6.24
C LEU A 237 -16.61 -6.33 6.35
N GLY A 238 -17.63 -5.79 5.70
CA GLY A 238 -18.96 -6.39 5.73
C GLY A 238 -19.85 -5.71 6.77
N GLY A 239 -21.14 -6.04 6.74
CA GLY A 239 -22.10 -5.47 7.69
C GLY A 239 -22.08 -3.96 7.81
N GLU A 240 -22.34 -3.29 6.70
CA GLU A 240 -22.34 -1.82 6.65
C GLU A 240 -23.18 -1.37 5.46
N ALA A 241 -23.59 -0.11 5.45
CA ALA A 241 -24.41 0.41 4.34
C ALA A 241 -23.67 0.48 3.02
N ILE A 242 -22.44 0.99 3.05
CA ILE A 242 -21.61 1.13 1.85
C ILE A 242 -20.79 -0.12 1.56
N LYS A 243 -20.75 -0.52 0.29
CA LYS A 243 -20.01 -1.71 -0.11
C LYS A 243 -18.96 -1.38 -1.17
N SER A 244 -17.91 -2.19 -1.21
CA SER A 244 -16.82 -2.03 -2.16
C SER A 244 -17.27 -2.06 -3.61
N SER A 245 -18.23 -2.94 -3.91
CA SER A 245 -18.74 -3.10 -5.27
C SER A 245 -19.34 -1.86 -5.92
N GLU A 246 -19.78 -0.91 -5.09
CA GLU A 246 -20.37 0.34 -5.56
C GLU A 246 -19.35 1.15 -6.35
N TYR A 247 -18.07 0.96 -6.02
CA TYR A 247 -16.97 1.69 -6.66
C TYR A 247 -16.24 0.94 -7.77
N PHE A 248 -16.68 -0.27 -8.10
CA PHE A 248 -16.01 -1.06 -9.17
C PHE A 248 -15.99 -0.41 -10.54
N GLY A 249 -16.90 0.53 -10.77
CA GLY A 249 -16.98 1.18 -12.06
C GLY A 249 -15.97 2.31 -12.29
N ASN A 250 -15.31 2.73 -11.21
CA ASN A 250 -14.32 3.81 -11.28
C ASN A 250 -12.90 3.29 -11.41
N GLY A 251 -12.61 2.18 -10.74
CA GLY A 251 -11.28 1.59 -10.78
C GLY A 251 -11.17 0.50 -9.73
N ARG A 252 -9.93 0.10 -9.42
CA ARG A 252 -9.70 -0.93 -8.40
C ARG A 252 -10.06 -0.43 -7.01
N VAL A 253 -10.21 -1.36 -6.06
CA VAL A 253 -10.57 -1.04 -4.68
C VAL A 253 -9.67 -1.77 -3.68
N THR A 254 -9.34 -1.10 -2.57
CA THR A 254 -8.52 -1.69 -1.53
C THR A 254 -9.31 -2.81 -0.88
N GLU A 255 -8.77 -4.01 -0.88
CA GLU A 255 -9.49 -5.13 -0.28
C GLU A 255 -8.96 -5.32 1.13
N PHE A 256 -9.58 -4.61 2.07
CA PHE A 256 -9.19 -4.67 3.48
C PHE A 256 -9.47 -5.99 4.18
N LYS A 257 -10.37 -6.81 3.64
CA LYS A 257 -10.67 -8.11 4.25
C LYS A 257 -9.45 -9.02 4.17
N TYR A 258 -8.65 -8.82 3.13
CA TYR A 258 -7.44 -9.59 2.87
C TYR A 258 -6.50 -9.68 4.07
N GLY A 259 -5.94 -8.54 4.48
CA GLY A 259 -5.01 -8.52 5.61
C GLY A 259 -5.67 -8.80 6.94
N ALA A 260 -6.96 -8.49 7.06
CA ALA A 260 -7.68 -8.73 8.31
C ALA A 260 -7.77 -10.23 8.52
N LYS A 261 -8.10 -10.96 7.46
CA LYS A 261 -8.22 -12.41 7.54
C LYS A 261 -6.91 -13.18 7.46
N LEU A 262 -5.92 -12.64 6.76
CA LEU A 262 -4.62 -13.30 6.65
C LEU A 262 -3.95 -13.23 8.01
N GLY A 263 -4.01 -12.06 8.63
CA GLY A 263 -3.41 -11.88 9.94
C GLY A 263 -3.97 -12.85 10.97
N THR A 264 -5.29 -13.05 10.92
CA THR A 264 -5.97 -13.95 11.85
C THR A 264 -5.53 -15.40 11.64
N VAL A 265 -5.33 -15.78 10.38
CA VAL A 265 -4.90 -17.13 10.09
C VAL A 265 -3.48 -17.38 10.55
N VAL A 266 -2.58 -16.43 10.27
CA VAL A 266 -1.18 -16.55 10.64
C VAL A 266 -0.92 -16.45 12.14
N ARG A 267 -1.72 -15.67 12.84
CA ARG A 267 -1.59 -15.55 14.30
C ARG A 267 -2.28 -16.77 14.93
N LYS A 268 -2.97 -17.56 14.12
CA LYS A 268 -3.70 -18.74 14.59
C LYS A 268 -4.77 -18.45 15.63
N TRP A 269 -5.56 -17.39 15.39
CA TRP A 269 -6.64 -17.01 16.29
C TRP A 269 -7.98 -17.50 15.74
N SER A 270 -8.96 -17.65 16.63
CA SER A 270 -10.32 -18.06 16.27
C SER A 270 -10.48 -19.42 15.59
N GLY A 271 -9.50 -20.31 15.77
CA GLY A 271 -9.58 -21.62 15.16
C GLY A 271 -9.15 -21.66 13.70
N GLU A 272 -8.58 -20.56 13.22
CA GLU A 272 -8.11 -20.50 11.84
C GLU A 272 -6.82 -21.31 11.69
N LYS A 273 -6.58 -21.83 10.50
CA LYS A 273 -5.38 -22.62 10.20
C LYS A 273 -4.96 -22.27 8.79
N MET A 274 -3.67 -22.45 8.49
CA MET A 274 -3.15 -22.14 7.16
C MET A 274 -3.68 -23.06 6.10
N SER A 275 -4.05 -24.28 6.50
CA SER A 275 -4.58 -25.24 5.53
C SER A 275 -5.92 -24.81 4.96
N TYR A 276 -6.55 -23.83 5.63
CA TYR A 276 -7.83 -23.30 5.17
C TYR A 276 -7.65 -22.30 4.01
N LEU A 277 -6.40 -22.03 3.64
CA LEU A 277 -6.10 -21.09 2.56
C LEU A 277 -6.08 -21.73 1.17
N LYS A 278 -6.60 -22.94 1.06
CA LYS A 278 -6.62 -23.65 -0.22
C LYS A 278 -7.49 -22.92 -1.25
N ASN A 279 -8.53 -22.26 -0.76
CA ASN A 279 -9.45 -21.52 -1.60
C ASN A 279 -9.37 -20.03 -1.33
N TRP A 280 -8.20 -19.59 -0.88
CA TRP A 280 -7.92 -18.18 -0.58
C TRP A 280 -8.30 -17.38 -1.82
N GLY A 281 -8.76 -16.15 -1.61
CA GLY A 281 -9.19 -15.31 -2.72
C GLY A 281 -10.69 -15.11 -2.70
N GLU A 282 -11.31 -15.16 -3.88
CA GLU A 282 -12.75 -14.98 -4.00
C GLU A 282 -13.52 -16.03 -3.21
N GLY A 283 -12.92 -17.21 -3.06
CA GLY A 283 -13.54 -18.29 -2.31
C GLY A 283 -13.71 -17.95 -0.84
N TRP A 284 -12.98 -16.92 -0.37
CA TRP A 284 -13.08 -16.47 1.01
C TRP A 284 -14.02 -15.29 1.18
N GLY A 285 -14.79 -14.98 0.13
CA GLY A 285 -15.72 -13.87 0.19
C GLY A 285 -15.17 -12.52 -0.25
N PHE A 286 -14.03 -12.51 -0.92
CA PHE A 286 -13.41 -11.27 -1.36
C PHE A 286 -13.93 -10.80 -2.72
N MET A 287 -13.65 -9.54 -3.04
CA MET A 287 -14.07 -8.97 -4.32
C MET A 287 -13.30 -9.67 -5.44
N PRO A 288 -13.69 -9.45 -6.71
CA PRO A 288 -13.01 -10.09 -7.85
C PRO A 288 -11.51 -9.77 -7.86
N SER A 289 -10.71 -10.73 -8.32
CA SER A 289 -9.27 -10.58 -8.37
C SER A 289 -8.77 -9.40 -9.19
N ASP A 290 -9.45 -9.12 -10.30
CA ASP A 290 -9.07 -8.04 -11.19
C ASP A 290 -9.56 -6.66 -10.77
N ARG A 291 -10.09 -6.55 -9.55
CA ARG A 291 -10.58 -5.27 -9.05
C ARG A 291 -9.91 -4.93 -7.73
N ALA A 292 -9.19 -5.90 -7.17
CA ALA A 292 -8.53 -5.72 -5.89
C ALA A 292 -7.09 -5.24 -5.86
N LEU A 293 -6.78 -4.50 -4.81
CA LEU A 293 -5.44 -4.02 -4.54
C LEU A 293 -5.30 -4.60 -3.14
N VAL A 294 -4.37 -5.53 -2.97
CA VAL A 294 -4.20 -6.19 -1.68
C VAL A 294 -2.93 -5.77 -0.93
N PHE A 295 -2.92 -6.05 0.36
CA PHE A 295 -1.80 -5.70 1.22
C PHE A 295 -2.00 -6.36 2.60
N VAL A 296 -0.92 -6.45 3.37
CA VAL A 296 -0.99 -7.05 4.69
C VAL A 296 -1.39 -5.97 5.71
N ASP A 297 -0.73 -4.82 5.62
CA ASP A 297 -0.99 -3.70 6.50
C ASP A 297 -0.77 -2.40 5.72
N ASN A 298 -1.46 -1.32 6.12
CA ASN A 298 -1.26 -0.04 5.47
C ASN A 298 -0.79 0.97 6.51
N HIS A 299 -0.56 2.21 6.13
CA HIS A 299 -0.07 3.22 7.06
C HIS A 299 -0.99 3.48 8.26
N ASP A 300 -2.28 3.31 8.04
CA ASP A 300 -3.28 3.55 9.07
C ASP A 300 -3.46 2.39 10.05
N ASN A 301 -3.84 1.22 9.55
CA ASN A 301 -4.08 0.08 10.44
C ASN A 301 -2.88 -0.58 11.10
N GLN A 302 -1.68 -0.21 10.65
CA GLN A 302 -0.46 -0.78 11.23
C GLN A 302 -0.15 -0.09 12.55
N ARG A 303 -0.61 1.15 12.68
CA ARG A 303 -0.35 1.93 13.89
C ARG A 303 -1.58 2.21 14.72
N GLY A 304 -2.53 1.28 14.70
CA GLY A 304 -3.69 1.56 15.50
C GLY A 304 -4.77 0.52 15.41
N HIS A 305 -6.00 1.02 15.41
CA HIS A 305 -7.16 0.17 15.35
C HIS A 305 -7.91 0.53 14.09
N GLY A 306 -7.20 0.50 12.97
CA GLY A 306 -7.82 0.84 11.71
C GLY A 306 -8.64 -0.36 11.32
N ALA A 307 -8.58 -0.75 10.05
CA ALA A 307 -9.32 -1.90 9.57
C ALA A 307 -8.56 -3.18 9.89
N GLY A 308 -9.20 -4.08 10.63
CA GLY A 308 -8.57 -5.33 11.00
C GLY A 308 -8.26 -5.45 12.48
N GLY A 309 -8.06 -4.30 13.14
CA GLY A 309 -7.77 -4.31 14.56
C GLY A 309 -6.47 -4.94 15.00
N ALA A 310 -6.53 -5.78 16.03
CA ALA A 310 -5.37 -6.46 16.60
C ALA A 310 -4.76 -7.54 15.71
N SER A 311 -5.58 -8.10 14.82
CA SER A 311 -5.13 -9.17 13.93
C SER A 311 -4.15 -8.75 12.84
N ILE A 312 -4.06 -7.45 12.57
CA ILE A 312 -3.15 -6.91 11.54
C ILE A 312 -1.67 -7.11 11.89
N LEU A 313 -0.93 -7.70 10.95
CA LEU A 313 0.50 -7.93 11.16
C LEU A 313 1.31 -6.75 10.66
N THR A 314 2.36 -6.40 11.41
CA THR A 314 3.24 -5.28 11.09
C THR A 314 4.69 -5.69 11.28
N PHE A 315 5.62 -4.78 11.01
CA PHE A 315 7.04 -5.06 11.17
C PHE A 315 7.42 -5.35 12.62
N TRP A 316 6.53 -5.01 13.57
CA TRP A 316 6.78 -5.27 14.98
C TRP A 316 6.71 -6.77 15.26
N ASP A 317 6.08 -7.51 14.35
CA ASP A 317 5.97 -8.96 14.46
C ASP A 317 6.68 -9.54 13.25
N ALA A 318 7.95 -9.18 13.11
CA ALA A 318 8.77 -9.56 11.97
C ALA A 318 8.65 -10.97 11.44
N ARG A 319 8.85 -11.96 12.31
CA ARG A 319 8.79 -13.36 11.87
C ARG A 319 7.48 -13.72 11.17
N LEU A 320 6.36 -13.35 11.77
CA LEU A 320 5.06 -13.66 11.17
C LEU A 320 4.73 -12.73 10.02
N TYR A 321 5.27 -11.52 10.06
CA TYR A 321 5.04 -10.54 9.02
C TYR A 321 5.63 -11.01 7.69
N LYS A 322 6.81 -11.61 7.76
CA LYS A 322 7.45 -12.11 6.55
C LYS A 322 6.72 -13.32 5.99
N ILE A 323 6.16 -14.15 6.87
CA ILE A 323 5.39 -15.34 6.44
C ILE A 323 4.19 -14.86 5.61
N ALA A 324 3.47 -13.88 6.16
CA ALA A 324 2.28 -13.29 5.54
C ALA A 324 2.55 -12.59 4.22
N VAL A 325 3.56 -11.72 4.18
CA VAL A 325 3.91 -11.01 2.94
C VAL A 325 4.35 -12.03 1.90
N GLY A 326 5.02 -13.09 2.36
CA GLY A 326 5.49 -14.13 1.45
C GLY A 326 4.32 -14.84 0.78
N PHE A 327 3.29 -15.15 1.56
CA PHE A 327 2.12 -15.82 1.03
C PHE A 327 1.38 -14.91 0.06
N MET A 328 1.32 -13.63 0.38
CA MET A 328 0.63 -12.66 -0.47
C MET A 328 1.31 -12.50 -1.82
N LEU A 329 2.64 -12.44 -1.79
CA LEU A 329 3.45 -12.29 -3.00
C LEU A 329 3.48 -13.53 -3.90
N ALA A 330 3.19 -14.69 -3.31
CA ALA A 330 3.17 -15.95 -4.06
C ALA A 330 1.79 -16.25 -4.61
N HIS A 331 0.74 -15.86 -3.89
CA HIS A 331 -0.63 -16.12 -4.34
C HIS A 331 -1.01 -15.18 -5.48
N PRO A 332 -1.71 -15.72 -6.51
CA PRO A 332 -2.13 -14.96 -7.68
C PRO A 332 -3.18 -13.88 -7.51
N TYR A 333 -3.95 -13.94 -6.42
CA TYR A 333 -5.02 -12.97 -6.16
C TYR A 333 -4.60 -11.49 -6.02
N GLY A 334 -5.30 -10.61 -6.74
CA GLY A 334 -5.06 -9.17 -6.69
C GLY A 334 -3.73 -8.58 -7.11
N PHE A 335 -3.66 -7.24 -7.05
CA PHE A 335 -2.43 -6.52 -7.35
C PHE A 335 -1.83 -6.14 -5.99
N THR A 336 -0.61 -6.57 -5.75
CA THR A 336 0.05 -6.37 -4.47
C THR A 336 0.80 -5.08 -4.15
N ARG A 337 0.61 -4.60 -2.91
CA ARG A 337 1.28 -3.41 -2.42
C ARG A 337 2.05 -3.78 -1.16
N VAL A 338 3.35 -3.48 -1.16
CA VAL A 338 4.22 -3.74 -0.02
C VAL A 338 4.32 -2.47 0.81
N MET A 339 4.48 -2.61 2.12
CA MET A 339 4.61 -1.47 3.01
C MET A 339 6.07 -1.20 3.39
N SER A 340 6.39 0.08 3.60
CA SER A 340 7.73 0.48 4.00
C SER A 340 7.42 1.59 5.01
N SER A 341 7.88 1.42 6.25
CA SER A 341 7.57 2.40 7.29
C SER A 341 8.72 2.91 8.12
N TYR A 342 8.36 3.62 9.19
CA TYR A 342 9.32 4.18 10.12
C TYR A 342 8.90 3.73 11.51
N ARG A 343 9.88 3.61 12.41
CA ARG A 343 9.64 3.18 13.78
C ARG A 343 9.31 4.35 14.70
N TRP A 344 8.38 4.13 15.61
CA TRP A 344 7.97 5.15 16.56
C TRP A 344 7.81 4.50 17.93
N ALA A 345 7.82 5.31 18.99
CA ALA A 345 7.70 4.81 20.35
C ALA A 345 6.25 4.57 20.75
N ARG A 346 5.86 3.30 20.82
CA ARG A 346 4.51 2.92 21.19
C ARG A 346 4.31 2.98 22.70
N ASN A 347 3.11 3.36 23.13
CA ASN A 347 2.77 3.45 24.54
C ASN A 347 1.31 3.02 24.66
N PHE A 348 1.12 1.74 25.02
CA PHE A 348 -0.19 1.13 25.16
C PHE A 348 -0.91 1.35 26.49
N VAL A 349 -2.04 2.05 26.46
CA VAL A 349 -2.86 2.22 27.66
C VAL A 349 -4.16 1.50 27.31
N ASN A 350 -4.55 0.54 28.14
CA ASN A 350 -5.77 -0.22 27.89
C ASN A 350 -5.79 -0.86 26.49
N GLY A 351 -4.64 -1.41 26.09
CA GLY A 351 -4.55 -2.07 24.81
C GLY A 351 -4.48 -1.19 23.57
N GLU A 352 -4.46 0.12 23.76
CA GLU A 352 -4.39 1.03 22.61
C GLU A 352 -3.16 1.92 22.66
N ASP A 353 -2.55 2.13 21.50
CA ASP A 353 -1.36 2.95 21.41
C ASP A 353 -1.75 4.42 21.32
N VAL A 354 -1.36 5.19 22.33
CA VAL A 354 -1.65 6.62 22.38
C VAL A 354 -0.55 7.49 21.73
N ASN A 355 0.49 6.84 21.22
CA ASN A 355 1.57 7.57 20.55
C ASN A 355 1.50 7.32 19.04
N ASP A 356 0.34 6.90 18.56
CA ASP A 356 0.15 6.60 17.15
C ASP A 356 0.11 7.82 16.25
N TRP A 357 0.24 8.99 16.85
CA TRP A 357 0.23 10.25 16.11
C TRP A 357 1.64 10.58 15.64
N ILE A 358 2.65 10.05 16.32
CA ILE A 358 4.05 10.33 16.00
C ILE A 358 4.39 10.29 14.53
N GLY A 359 4.97 11.40 14.07
CA GLY A 359 5.35 11.54 12.67
C GLY A 359 6.69 10.92 12.34
N PRO A 360 7.17 11.07 11.10
CA PRO A 360 8.45 10.52 10.65
C PRO A 360 9.68 11.10 11.34
N PRO A 361 10.80 10.36 11.33
CA PRO A 361 12.03 10.83 11.96
C PRO A 361 12.34 12.22 11.41
N ASN A 362 12.60 13.16 12.32
CA ASN A 362 12.87 14.54 11.92
C ASN A 362 13.81 15.25 12.86
N ASN A 363 14.38 16.34 12.39
CA ASN A 363 15.29 17.16 13.17
C ASN A 363 14.62 18.53 13.22
N ASN A 364 13.94 18.80 14.33
CA ASN A 364 13.22 20.07 14.51
C ASN A 364 12.17 20.29 13.40
N GLY A 365 11.46 19.22 13.05
CA GLY A 365 10.43 19.33 12.03
C GLY A 365 10.79 18.92 10.62
N VAL A 366 12.07 18.99 10.25
CA VAL A 366 12.48 18.61 8.91
C VAL A 366 12.77 17.10 8.89
N ILE A 367 12.16 16.40 7.94
CA ILE A 367 12.32 14.96 7.86
C ILE A 367 13.77 14.51 7.60
N LYS A 368 14.25 13.61 8.44
CA LYS A 368 15.60 13.08 8.31
C LYS A 368 15.69 12.28 7.02
N GLU A 369 16.91 12.19 6.48
CA GLU A 369 17.11 11.44 5.26
C GLU A 369 17.21 9.96 5.54
N VAL A 370 17.13 9.17 4.48
CA VAL A 370 17.23 7.73 4.58
C VAL A 370 18.68 7.36 4.27
N THR A 371 19.38 6.91 5.29
CA THR A 371 20.77 6.50 5.17
C THR A 371 20.75 4.99 4.96
N ILE A 372 21.69 4.50 4.15
CA ILE A 372 21.79 3.08 3.87
C ILE A 372 23.04 2.52 4.56
N ASN A 373 22.87 1.43 5.31
CA ASN A 373 23.98 0.79 6.01
C ASN A 373 24.64 -0.23 5.10
N ALA A 374 25.82 -0.70 5.51
CA ALA A 374 26.60 -1.67 4.74
C ALA A 374 25.81 -2.94 4.37
N ASP A 375 24.90 -3.35 5.23
CA ASP A 375 24.09 -4.55 4.97
C ASP A 375 22.75 -4.23 4.29
N THR A 376 22.74 -3.17 3.48
CA THR A 376 21.57 -2.70 2.73
C THR A 376 20.32 -2.35 3.54
N THR A 377 20.48 -2.19 4.85
CA THR A 377 19.35 -1.83 5.72
C THR A 377 19.32 -0.29 5.77
N CYS A 378 18.39 0.28 6.53
CA CYS A 378 18.27 1.73 6.64
C CYS A 378 18.52 2.24 8.05
N GLY A 379 18.98 3.49 8.15
CA GLY A 379 19.23 4.14 9.42
C GLY A 379 18.23 5.26 9.63
N ASN A 380 18.38 5.99 10.73
CA ASN A 380 17.49 7.09 11.08
C ASN A 380 16.07 6.63 11.37
N ASP A 381 15.96 5.40 11.84
CA ASP A 381 14.68 4.78 12.17
C ASP A 381 13.71 4.49 11.02
N TRP A 382 14.23 4.32 9.81
CA TRP A 382 13.41 3.98 8.66
C TRP A 382 13.57 2.46 8.62
N VAL A 383 12.49 1.72 8.80
CA VAL A 383 12.60 0.25 8.84
C VAL A 383 12.86 -0.47 7.50
N CYS A 384 12.49 0.16 6.39
CA CYS A 384 12.73 -0.39 5.08
C CYS A 384 12.40 -1.86 4.90
N GLU A 385 11.16 -2.23 5.14
CA GLU A 385 10.73 -3.62 4.99
C GLU A 385 11.01 -4.11 3.57
N HIS A 386 10.85 -3.22 2.59
CA HIS A 386 11.06 -3.56 1.19
C HIS A 386 12.51 -3.93 0.89
N ARG A 387 13.39 -3.67 1.85
CA ARG A 387 14.81 -3.96 1.69
C ARG A 387 15.23 -5.25 2.38
N TRP A 388 14.31 -5.86 3.12
CA TRP A 388 14.56 -7.11 3.80
C TRP A 388 14.69 -8.18 2.70
N ARG A 389 15.66 -9.08 2.84
CA ARG A 389 15.88 -10.10 1.83
C ARG A 389 14.64 -10.87 1.42
N GLU A 390 13.88 -11.30 2.41
CA GLU A 390 12.69 -12.10 2.22
C GLU A 390 11.56 -11.38 1.48
N ILE A 391 11.38 -10.09 1.74
CA ILE A 391 10.32 -9.34 1.06
C ILE A 391 10.80 -9.06 -0.36
N ARG A 392 12.05 -8.60 -0.47
CA ARG A 392 12.69 -8.28 -1.74
C ARG A 392 12.67 -9.42 -2.74
N ASN A 393 13.14 -10.59 -2.28
CA ASN A 393 13.20 -11.75 -3.14
C ASN A 393 11.84 -12.32 -3.51
N MET A 394 10.84 -12.07 -2.66
CA MET A 394 9.50 -12.53 -2.98
C MET A 394 8.87 -11.57 -4.00
N VAL A 395 9.36 -10.34 -4.03
CA VAL A 395 8.87 -9.37 -5.01
C VAL A 395 9.34 -9.87 -6.37
N TRP A 396 10.53 -10.48 -6.38
CA TRP A 396 11.17 -11.04 -7.57
C TRP A 396 10.46 -12.33 -7.98
N PHE A 397 10.12 -13.14 -6.98
CA PHE A 397 9.41 -14.40 -7.19
C PHE A 397 8.16 -14.15 -8.02
N ARG A 398 7.40 -13.15 -7.59
CA ARG A 398 6.14 -12.76 -8.23
C ARG A 398 6.28 -12.34 -9.69
N ASN A 399 7.31 -11.57 -10.01
CA ASN A 399 7.54 -11.12 -11.39
C ASN A 399 7.82 -12.35 -12.27
N VAL A 400 8.57 -13.31 -11.71
CA VAL A 400 8.97 -14.54 -12.38
C VAL A 400 7.82 -15.48 -12.73
N VAL A 401 6.87 -15.63 -11.80
CA VAL A 401 5.73 -16.52 -11.99
C VAL A 401 4.45 -15.82 -12.46
N ASP A 402 4.57 -14.56 -12.88
CA ASP A 402 3.41 -13.80 -13.33
C ASP A 402 2.65 -14.48 -14.47
N GLY A 403 1.35 -14.66 -14.27
CA GLY A 403 0.51 -15.30 -15.28
C GLY A 403 0.36 -16.80 -15.10
N GLU A 404 1.20 -17.40 -14.24
CA GLU A 404 1.14 -18.84 -14.00
C GLU A 404 0.00 -19.15 -13.05
N PRO A 405 -0.68 -20.29 -13.27
CA PRO A 405 -1.79 -20.66 -12.40
C PRO A 405 -1.38 -21.32 -11.10
N PHE A 406 -2.31 -21.27 -10.14
CA PHE A 406 -2.17 -21.86 -8.82
C PHE A 406 -2.15 -23.38 -9.03
N ALA A 407 -1.18 -24.08 -8.44
CA ALA A 407 -1.09 -25.52 -8.65
C ALA A 407 -0.42 -26.26 -7.52
N ASN A 408 -0.54 -27.58 -7.56
CA ASN A 408 0.08 -28.48 -6.60
C ASN A 408 -0.02 -28.10 -5.14
N TRP A 409 -1.24 -27.79 -4.68
CA TRP A 409 -1.42 -27.43 -3.28
C TRP A 409 -1.12 -28.67 -2.41
N TRP A 410 -0.84 -28.44 -1.13
CA TRP A 410 -0.57 -29.50 -0.17
C TRP A 410 -0.60 -28.89 1.22
N ASP A 411 -1.03 -29.69 2.19
CA ASP A 411 -1.11 -29.26 3.58
C ASP A 411 -1.14 -30.50 4.48
N ASN A 412 -0.65 -30.36 5.71
CA ASN A 412 -0.63 -31.47 6.63
C ASN A 412 -1.94 -31.52 7.41
N GLY A 413 -2.92 -30.71 6.97
CA GLY A 413 -4.21 -30.67 7.63
C GLY A 413 -4.16 -29.79 8.86
N SER A 414 -3.10 -29.01 8.99
CA SER A 414 -2.97 -28.13 10.15
C SER A 414 -2.43 -26.73 9.77
N ASN A 415 -1.11 -26.54 9.81
CA ASN A 415 -0.51 -25.25 9.48
C ASN A 415 0.71 -25.37 8.58
N GLN A 416 0.92 -26.55 8.02
CA GLN A 416 2.01 -26.76 7.08
C GLN A 416 1.33 -26.68 5.70
N VAL A 417 1.80 -25.78 4.85
CA VAL A 417 1.20 -25.52 3.54
C VAL A 417 2.22 -25.36 2.41
N ALA A 418 1.83 -25.71 1.18
CA ALA A 418 2.74 -25.58 0.06
C ALA A 418 1.98 -25.48 -1.25
N PHE A 419 2.51 -24.71 -2.19
CA PHE A 419 1.89 -24.55 -3.49
C PHE A 419 2.81 -23.95 -4.52
N GLY A 420 2.49 -24.21 -5.78
CA GLY A 420 3.29 -23.69 -6.87
C GLY A 420 2.54 -22.75 -7.80
N ARG A 421 3.29 -22.18 -8.72
CA ARG A 421 2.74 -21.26 -9.70
C ARG A 421 3.19 -21.78 -11.04
N GLY A 422 2.41 -22.72 -11.58
CA GLY A 422 2.74 -23.32 -12.85
C GLY A 422 4.01 -24.13 -12.71
N ASN A 423 4.92 -23.97 -13.64
CA ASN A 423 6.18 -24.69 -13.62
C ASN A 423 7.33 -23.72 -13.39
N ARG A 424 7.05 -22.63 -12.71
CA ARG A 424 8.08 -21.63 -12.48
C ARG A 424 8.40 -21.20 -11.06
N GLY A 425 7.60 -21.64 -10.09
CA GLY A 425 7.84 -21.27 -8.70
C GLY A 425 7.08 -22.15 -7.73
N PHE A 426 7.70 -22.44 -6.60
CA PHE A 426 7.09 -23.28 -5.56
C PHE A 426 7.49 -22.71 -4.21
N ILE A 427 6.55 -22.72 -3.27
CA ILE A 427 6.77 -22.17 -1.94
C ILE A 427 6.16 -23.10 -0.92
N VAL A 428 6.80 -23.21 0.25
CA VAL A 428 6.32 -24.09 1.31
C VAL A 428 6.49 -23.43 2.68
N PHE A 429 5.46 -23.50 3.51
CA PHE A 429 5.45 -22.89 4.83
C PHE A 429 5.24 -23.88 5.97
N ASN A 430 5.79 -23.55 7.13
CA ASN A 430 5.63 -24.35 8.34
C ASN A 430 5.24 -23.39 9.46
N ASN A 431 3.93 -23.31 9.75
CA ASN A 431 3.44 -22.45 10.81
C ASN A 431 2.92 -23.32 11.97
N ASP A 432 3.37 -24.58 12.01
CA ASP A 432 3.01 -25.50 13.08
C ASP A 432 4.18 -25.50 14.05
N ASP A 433 3.93 -25.86 15.30
CA ASP A 433 4.99 -25.88 16.30
C ASP A 433 5.83 -27.16 16.33
N TRP A 434 5.94 -27.84 15.19
CA TRP A 434 6.74 -29.05 15.06
C TRP A 434 7.32 -29.20 13.64
N GLN A 435 8.33 -30.06 13.53
CA GLN A 435 9.05 -30.33 12.28
C GLN A 435 8.21 -30.57 11.02
N LEU A 436 8.76 -30.17 9.87
CA LEU A 436 8.11 -30.38 8.57
C LEU A 436 9.04 -31.21 7.68
N SER A 437 8.58 -32.40 7.29
CA SER A 437 9.36 -33.27 6.44
C SER A 437 8.46 -33.96 5.44
N SER A 438 8.54 -33.54 4.18
CA SER A 438 7.72 -34.12 3.13
C SER A 438 8.41 -34.15 1.78
N THR A 439 7.95 -35.06 0.92
CA THR A 439 8.47 -35.16 -0.43
C THR A 439 7.31 -34.71 -1.30
N LEU A 440 7.35 -33.43 -1.68
CA LEU A 440 6.29 -32.80 -2.46
C LEU A 440 6.51 -32.68 -3.95
N GLN A 441 5.42 -32.66 -4.71
CA GLN A 441 5.48 -32.50 -6.15
C GLN A 441 5.56 -30.98 -6.36
N THR A 442 6.67 -30.52 -6.94
CA THR A 442 6.89 -29.10 -7.14
C THR A 442 6.33 -28.56 -8.46
N GLY A 443 6.38 -29.39 -9.49
CA GLY A 443 5.89 -29.00 -10.80
C GLY A 443 6.97 -28.27 -11.58
N LEU A 444 8.17 -28.18 -11.00
CA LEU A 444 9.31 -27.50 -11.62
C LEU A 444 10.28 -28.51 -12.25
N PRO A 445 11.12 -28.05 -13.19
CA PRO A 445 12.10 -28.91 -13.86
C PRO A 445 13.08 -29.45 -12.83
N GLY A 446 13.79 -30.52 -13.18
CA GLY A 446 14.75 -31.10 -12.26
C GLY A 446 16.01 -30.25 -12.19
N GLY A 447 16.69 -30.30 -11.05
CA GLY A 447 17.91 -29.55 -10.88
C GLY A 447 18.07 -29.04 -9.46
N THR A 448 19.09 -28.20 -9.24
CA THR A 448 19.34 -27.63 -7.92
C THR A 448 18.96 -26.16 -7.88
N TYR A 449 18.04 -25.81 -6.98
CA TYR A 449 17.56 -24.44 -6.86
C TYR A 449 18.00 -23.77 -5.58
N CYS A 450 18.22 -22.47 -5.64
CA CYS A 450 18.58 -21.73 -4.44
C CYS A 450 17.29 -21.25 -3.78
N ASP A 451 17.27 -21.35 -2.46
CA ASP A 451 16.13 -20.88 -1.68
C ASP A 451 16.37 -19.38 -1.58
N VAL A 452 15.37 -18.59 -2.00
CA VAL A 452 15.47 -17.15 -2.02
C VAL A 452 15.04 -16.49 -0.72
N ILE A 453 14.64 -17.29 0.27
CA ILE A 453 14.23 -16.73 1.54
C ILE A 453 15.43 -16.66 2.48
N SER A 454 16.21 -17.73 2.54
CA SER A 454 17.38 -17.77 3.40
C SER A 454 18.64 -17.24 2.70
N GLY A 455 18.55 -17.00 1.40
CA GLY A 455 19.70 -16.51 0.68
C GLY A 455 19.41 -16.03 -0.74
N ASP A 456 20.46 -16.00 -1.56
CA ASP A 456 20.36 -15.57 -2.95
C ASP A 456 21.22 -16.49 -3.80
N LYS A 457 21.08 -16.36 -5.11
CA LYS A 457 21.88 -17.13 -6.05
C LYS A 457 22.93 -16.17 -6.60
N VAL A 458 24.18 -16.36 -6.23
CA VAL A 458 25.24 -15.52 -6.76
C VAL A 458 26.16 -16.42 -7.59
N GLY A 459 26.15 -16.19 -8.89
CA GLY A 459 26.97 -16.99 -9.79
C GLY A 459 26.39 -18.38 -9.90
N ASN A 460 27.24 -19.39 -9.82
CA ASN A 460 26.81 -20.77 -9.92
C ASN A 460 26.73 -21.41 -8.52
N SER A 461 26.30 -20.62 -7.53
CA SER A 461 26.18 -21.09 -6.16
C SER A 461 25.12 -20.34 -5.37
N CYS A 462 24.67 -20.92 -4.27
CA CYS A 462 23.66 -20.33 -3.40
C CYS A 462 24.28 -19.93 -2.06
N THR A 463 23.84 -18.79 -1.52
CA THR A 463 24.35 -18.34 -0.23
C THR A 463 23.51 -18.89 0.94
N GLY A 464 22.45 -19.63 0.61
CA GLY A 464 21.59 -20.19 1.62
C GLY A 464 21.29 -21.66 1.37
N ILE A 465 20.10 -22.11 1.75
CA ILE A 465 19.75 -23.51 1.53
C ILE A 465 19.55 -23.81 0.04
N LYS A 466 19.86 -25.05 -0.33
CA LYS A 466 19.69 -25.53 -1.70
C LYS A 466 18.64 -26.64 -1.63
N VAL A 467 17.76 -26.66 -2.62
CA VAL A 467 16.72 -27.65 -2.70
C VAL A 467 16.92 -28.38 -4.02
N TYR A 468 17.00 -29.71 -3.96
CA TYR A 468 17.19 -30.50 -5.16
C TYR A 468 15.88 -31.13 -5.58
N VAL A 469 15.42 -30.85 -6.80
CA VAL A 469 14.19 -31.45 -7.28
C VAL A 469 14.57 -32.48 -8.35
N SER A 470 14.11 -33.71 -8.13
CA SER A 470 14.38 -34.82 -9.04
C SER A 470 13.69 -34.70 -10.38
N SER A 471 14.04 -35.60 -11.30
CA SER A 471 13.49 -35.62 -12.66
C SER A 471 11.96 -35.63 -12.73
N ASP A 472 11.31 -36.24 -11.75
CA ASP A 472 9.85 -36.29 -11.74
C ASP A 472 9.20 -35.03 -11.13
N GLY A 473 10.04 -34.11 -10.68
CA GLY A 473 9.55 -32.87 -10.10
C GLY A 473 9.39 -32.86 -8.59
N THR A 474 9.66 -33.99 -7.94
CA THR A 474 9.53 -34.07 -6.50
C THR A 474 10.75 -33.55 -5.75
N ALA A 475 10.56 -33.17 -4.49
CA ALA A 475 11.66 -32.65 -3.69
C ALA A 475 11.40 -32.80 -2.20
N GLN A 476 12.43 -33.18 -1.45
CA GLN A 476 12.34 -33.36 -0.01
C GLN A 476 12.63 -32.03 0.68
N PHE A 477 11.70 -31.61 1.53
CA PHE A 477 11.83 -30.35 2.26
C PHE A 477 11.89 -30.61 3.76
N SER A 478 12.67 -29.81 4.47
CA SER A 478 12.78 -29.95 5.91
C SER A 478 12.81 -28.58 6.56
N ILE A 479 11.77 -28.27 7.30
CA ILE A 479 11.68 -26.97 7.96
C ILE A 479 11.40 -27.19 9.43
N SER A 480 12.22 -26.58 10.28
CA SER A 480 12.05 -26.70 11.71
C SER A 480 11.15 -25.55 12.18
N ASN A 481 10.38 -25.78 13.23
CA ASN A 481 9.50 -24.74 13.75
C ASN A 481 10.28 -23.63 14.44
N SER A 482 11.55 -23.89 14.72
CA SER A 482 12.42 -22.93 15.39
C SER A 482 13.15 -22.03 14.39
N ALA A 483 13.20 -22.46 13.13
CA ALA A 483 13.87 -21.72 12.07
C ALA A 483 13.52 -20.24 12.05
N GLU A 484 14.54 -19.41 11.78
CA GLU A 484 14.40 -17.96 11.72
C GLU A 484 13.25 -17.54 10.80
N ASP A 485 13.25 -18.07 9.58
CA ASP A 485 12.19 -17.82 8.60
C ASP A 485 11.70 -19.20 8.25
N PRO A 486 10.53 -19.59 8.76
CA PRO A 486 9.92 -20.92 8.51
C PRO A 486 9.27 -21.20 7.16
N PHE A 487 9.92 -20.81 6.07
CA PHE A 487 9.39 -21.07 4.73
C PHE A 487 10.47 -20.99 3.65
N ILE A 488 10.29 -21.81 2.63
CA ILE A 488 11.22 -21.90 1.52
C ILE A 488 10.54 -21.57 0.20
N ALA A 489 11.21 -20.78 -0.62
CA ALA A 489 10.68 -20.40 -1.93
C ALA A 489 11.79 -20.50 -2.96
N ILE A 490 11.51 -21.25 -4.01
CA ILE A 490 12.45 -21.44 -5.12
C ILE A 490 11.68 -21.11 -6.38
N HIS A 491 12.40 -20.72 -7.43
CA HIS A 491 11.77 -20.40 -8.72
C HIS A 491 12.72 -20.53 -9.90
N ALA A 492 12.17 -20.46 -11.11
CA ALA A 492 12.94 -20.62 -12.35
C ALA A 492 14.23 -19.83 -12.46
N GLU A 493 14.29 -18.64 -11.87
CA GLU A 493 15.51 -17.84 -11.96
C GLU A 493 16.50 -17.99 -10.81
N SER A 494 16.23 -18.95 -9.91
CA SER A 494 17.13 -19.20 -8.78
C SER A 494 17.76 -20.58 -9.00
N LYS A 495 17.42 -21.19 -10.13
CA LYS A 495 17.95 -22.48 -10.51
C LYS A 495 19.42 -22.33 -10.87
N LEU A 496 20.21 -23.33 -10.48
CA LEU A 496 21.64 -23.35 -10.72
C LEU A 496 21.96 -23.86 -12.13
CL CL B . -5.05 2.24 1.53
CA CA C . -17.71 13.70 1.73
C1 NPO D . -6.60 11.35 10.21
C2 NPO D . -6.85 11.23 11.57
C3 NPO D . -7.10 12.36 12.33
C4 NPO D . -7.09 13.60 11.73
C5 NPO D . -6.83 13.74 10.37
C6 NPO D . -6.59 12.60 9.62
OH NPO D . -7.14 14.73 12.53
N1 NPO D . -6.37 10.24 9.48
O2 NPO D . -6.62 10.36 8.09
O3 NPO D . -6.44 9.01 10.18
#